data_5VPS
#
_entry.id   5VPS
#
_cell.length_a   64.090
_cell.length_b   64.090
_cell.length_c   119.170
_cell.angle_alpha   90.00
_cell.angle_beta   90.00
_cell.angle_gamma   90.00
#
_symmetry.space_group_name_H-M   'P 42 21 2'
#
loop_
_entity.id
_entity.type
_entity.pdbx_description
1 polymer 'Short-chain dehydrogenase/reductase SDR'
2 non-polymer [(4~{S})-3-aminocarbonyl-1-[(2~{R},3~{R},4~{S},5~{R})-5-[[[[(2~{R},3~{R},4~{R},5~{R})-5-(6-aminopurin-9-yl)-3-oxidanyl-4-phosphonooxy-oxolan-2-yl]methoxy-oxidanyl-phosphoryl]oxy-oxidanyl-phosphoryl]oxymethyl]-3,4-bis(oxidanyl)oxolan-2-yl]piperidin-4-yl]-tris(3-hydroxy-3-oxopropyl)phosphanium
3 non-polymer 1,2-ETHANEDIOL
4 water water
#
_entity_poly.entity_id   1
_entity_poly.type   'polypeptide(L)'
_entity_poly.pdbx_seq_one_letter_code
;MAHHHHHHMDLGIAGKTALVCAASKGLGRGCAEALAAEGVNLVIVARTRDTLEETAEEIRAASNVSVTAVACDITTPDGR
AAALAACPQPDILVNNAGGPPPGDFRDFSHDDWIRALEANMLTPIELIRATVDGMIGRGFGRIVNITSSAVKAPIDVLAL
SNGARSGLTGFVAGLSRKVAGQGVTINNLLPGLFDTDRIATTLAASAKAQGVTVDELRARRAKEIPAGRLGTRAEFGAAC
AFLCSVHAGYITGQNWLLDGGAYPGTF
;
_entity_poly.pdbx_strand_id   A
#
loop_
_chem_comp.id
_chem_comp.type
_chem_comp.name
_chem_comp.formula
9G1 non-polymer [(4~{S})-3-aminocarbonyl-1-[(2~{R},3~{R},4~{S},5~{R})-5-[[[[(2~{R},3~{R},4~{R},5~{R})-5-(6-aminopurin-9-yl)-3-oxidanyl-4-phosphonooxy-oxolan-2-yl]methoxy-oxidanyl-phosphoryl]oxy-oxidanyl-phosphoryl]oxymethyl]-3,4-bis(oxidanyl)oxolan-2-yl]piperidin-4-yl]-tris(3-hydroxy-3-oxopropyl)phosphanium 'C30 H48 N7 O23 P4 1'
EDO non-polymer 1,2-ETHANEDIOL 'C2 H6 O2'
#
# COMPACT_ATOMS: atom_id res chain seq x y z
N HIS A 8 17.01 -19.27 9.33
CA HIS A 8 16.31 -18.17 8.67
C HIS A 8 14.97 -17.90 9.34
N MET A 9 14.42 -16.71 9.14
CA MET A 9 13.36 -16.19 10.01
C MET A 9 11.99 -16.70 9.56
N ASP A 10 11.34 -17.45 10.44
CA ASP A 10 9.97 -17.94 10.23
C ASP A 10 9.02 -16.85 10.69
N LEU A 11 8.32 -16.22 9.74
CA LEU A 11 7.39 -15.15 10.11
C LEU A 11 6.11 -15.68 10.77
N GLY A 12 5.90 -17.00 10.77
CA GLY A 12 4.82 -17.61 11.52
C GLY A 12 3.43 -17.42 10.94
N ILE A 13 3.33 -17.08 9.66
CA ILE A 13 2.05 -16.74 9.06
C ILE A 13 1.67 -17.66 7.90
N ALA A 14 2.38 -18.77 7.74
CA ALA A 14 2.02 -19.73 6.70
C ALA A 14 0.61 -20.26 6.96
N GLY A 15 -0.18 -20.32 5.90
CA GLY A 15 -1.55 -20.78 5.99
C GLY A 15 -2.56 -19.70 6.29
N LYS A 16 -2.13 -18.50 6.67
CA LYS A 16 -3.04 -17.38 6.82
C LYS A 16 -3.44 -16.85 5.45
N THR A 17 -4.39 -15.91 5.45
CA THR A 17 -4.92 -15.38 4.20
C THR A 17 -4.85 -13.85 4.23
N ALA A 18 -4.40 -13.26 3.14
CA ALA A 18 -4.25 -11.82 3.00
C ALA A 18 -5.08 -11.31 1.84
N LEU A 19 -5.79 -10.22 2.08
CA LEU A 19 -6.39 -9.42 1.01
C LEU A 19 -5.41 -8.29 0.70
N VAL A 20 -4.86 -8.29 -0.50
CA VAL A 20 -3.85 -7.30 -0.91
C VAL A 20 -4.45 -6.44 -2.02
N CYS A 21 -4.71 -5.17 -1.70
CA CYS A 21 -5.36 -4.27 -2.64
C CYS A 21 -4.36 -3.67 -3.63
N ALA A 22 -4.83 -3.48 -4.86
CA ALA A 22 -4.09 -2.73 -5.87
C ALA A 22 -2.70 -3.34 -6.08
N ALA A 23 -2.69 -4.60 -6.50
CA ALA A 23 -1.52 -5.45 -6.34
C ALA A 23 -1.12 -6.19 -7.61
N SER A 24 -1.59 -5.77 -8.78
CA SER A 24 -1.07 -6.38 -10.00
C SER A 24 0.32 -5.83 -10.36
N LYS A 25 0.69 -4.66 -9.85
CA LYS A 25 1.94 -4.00 -10.15
C LYS A 25 2.47 -3.29 -8.91
N GLY A 26 3.75 -2.95 -8.97
CA GLY A 26 4.34 -1.98 -8.06
C GLY A 26 4.40 -2.45 -6.62
N LEU A 27 4.21 -1.49 -5.72
CA LEU A 27 4.35 -1.75 -4.29
C LEU A 27 3.37 -2.79 -3.80
N GLY A 28 2.12 -2.71 -4.25
CA GLY A 28 1.14 -3.72 -3.88
C GLY A 28 1.55 -5.11 -4.31
N ARG A 29 2.05 -5.23 -5.55
CA ARG A 29 2.55 -6.52 -6.00
C ARG A 29 3.73 -6.99 -5.15
N GLY A 30 4.62 -6.07 -4.77
CA GLY A 30 5.74 -6.47 -3.93
C GLY A 30 5.29 -7.04 -2.60
N CYS A 31 4.25 -6.43 -2.01
CA CYS A 31 3.67 -6.96 -0.78
C CYS A 31 3.08 -8.34 -1.00
N ALA A 32 2.31 -8.51 -2.09
CA ALA A 32 1.72 -9.81 -2.37
C ALA A 32 2.78 -10.88 -2.53
N GLU A 33 3.85 -10.59 -3.29
CA GLU A 33 4.90 -11.56 -3.50
CA GLU A 33 4.91 -11.56 -3.50
C GLU A 33 5.59 -11.92 -2.19
N ALA A 34 5.85 -10.92 -1.34
CA ALA A 34 6.51 -11.19 -0.07
C ALA A 34 5.66 -12.03 0.84
N LEU A 35 4.34 -11.77 0.88
CA LEU A 35 3.48 -12.58 1.72
C LEU A 35 3.36 -14.02 1.19
N ALA A 36 3.23 -14.17 -0.13
CA ALA A 36 3.16 -15.52 -0.70
C ALA A 36 4.41 -16.31 -0.38
N ALA A 37 5.57 -15.65 -0.38
CA ALA A 37 6.83 -16.33 -0.08
C ALA A 37 6.87 -16.85 1.35
N GLU A 38 6.07 -16.28 2.25
CA GLU A 38 5.97 -16.75 3.61
C GLU A 38 4.78 -17.70 3.83
N GLY A 39 4.17 -18.18 2.75
CA GLY A 39 3.11 -19.16 2.88
C GLY A 39 1.73 -18.59 3.05
N VAL A 40 1.54 -17.30 2.81
CA VAL A 40 0.24 -16.66 3.00
C VAL A 40 -0.57 -16.79 1.72
N ASN A 41 -1.77 -17.35 1.83
CA ASN A 41 -2.70 -17.39 0.71
C ASN A 41 -3.22 -15.99 0.42
N LEU A 42 -3.44 -15.70 -0.87
CA LEU A 42 -3.70 -14.33 -1.32
C LEU A 42 -5.01 -14.19 -2.06
N VAL A 43 -5.68 -13.07 -1.81
CA VAL A 43 -6.66 -12.50 -2.72
C VAL A 43 -6.10 -11.15 -3.15
N ILE A 44 -5.81 -11.02 -4.44
CA ILE A 44 -5.20 -9.80 -5.00
C ILE A 44 -6.21 -9.09 -5.89
N VAL A 45 -6.20 -7.77 -5.84
CA VAL A 45 -7.19 -6.93 -6.50
C VAL A 45 -6.48 -5.90 -7.38
N ALA A 46 -7.01 -5.70 -8.58
CA ALA A 46 -6.63 -4.57 -9.44
C ALA A 46 -7.74 -4.44 -10.47
N ARG A 47 -7.73 -3.32 -11.21
CA ARG A 47 -8.83 -3.08 -12.16
C ARG A 47 -8.64 -3.84 -13.46
N THR A 48 -7.42 -3.91 -13.97
CA THR A 48 -7.18 -4.46 -15.31
C THR A 48 -7.00 -5.97 -15.24
N ARG A 49 -7.89 -6.69 -15.92
CA ARG A 49 -7.93 -8.15 -15.79
C ARG A 49 -6.65 -8.82 -16.27
N ASP A 50 -6.20 -8.50 -17.49
CA ASP A 50 -5.10 -9.27 -18.06
CA ASP A 50 -5.10 -9.27 -18.06
C ASP A 50 -3.81 -9.10 -17.26
N THR A 51 -3.52 -7.88 -16.81
CA THR A 51 -2.32 -7.67 -16.00
C THR A 51 -2.44 -8.39 -14.66
N LEU A 52 -3.62 -8.31 -14.05
CA LEU A 52 -3.84 -8.98 -12.76
C LEU A 52 -3.71 -10.48 -12.91
N GLU A 53 -4.26 -11.05 -13.97
CA GLU A 53 -4.18 -12.50 -14.16
C GLU A 53 -2.75 -12.94 -14.39
N GLU A 54 -1.97 -12.17 -15.13
CA GLU A 54 -0.56 -12.52 -15.33
C GLU A 54 0.20 -12.47 -14.01
N THR A 55 -0.01 -11.42 -13.21
CA THR A 55 0.63 -11.36 -11.90
C THR A 55 0.23 -12.55 -11.03
N ALA A 56 -1.06 -12.90 -11.02
CA ALA A 56 -1.50 -14.07 -10.26
C ALA A 56 -0.76 -15.33 -10.71
N GLU A 57 -0.65 -15.54 -12.02
CA GLU A 57 0.07 -16.70 -12.52
C GLU A 57 1.54 -16.68 -12.08
N GLU A 58 2.17 -15.50 -12.13
CA GLU A 58 3.56 -15.40 -11.71
C GLU A 58 3.73 -15.75 -10.24
N ILE A 59 2.84 -15.24 -9.39
CA ILE A 59 2.94 -15.51 -7.95
C ILE A 59 2.67 -16.97 -7.66
N ARG A 60 1.64 -17.55 -8.28
CA ARG A 60 1.35 -18.97 -8.09
C ARG A 60 2.55 -19.82 -8.44
N ALA A 61 3.22 -19.52 -9.56
CA ALA A 61 4.31 -20.36 -10.01
C ALA A 61 5.51 -20.30 -9.09
N ALA A 62 5.72 -19.18 -8.42
CA ALA A 62 6.90 -18.98 -7.58
C ALA A 62 6.66 -19.30 -6.11
N SER A 63 5.45 -19.68 -5.74
CA SER A 63 5.10 -19.87 -4.34
C SER A 63 4.31 -21.16 -4.22
N ASN A 64 3.97 -21.52 -2.99
CA ASN A 64 3.17 -22.71 -2.73
C ASN A 64 1.83 -22.35 -2.10
N VAL A 65 1.22 -21.26 -2.56
CA VAL A 65 0.00 -20.77 -1.93
C VAL A 65 -1.10 -20.58 -2.98
N SER A 66 -2.33 -20.46 -2.49
CA SER A 66 -3.44 -20.13 -3.35
CA SER A 66 -3.47 -20.13 -3.33
C SER A 66 -3.46 -18.64 -3.64
N VAL A 67 -3.70 -18.29 -4.89
CA VAL A 67 -3.80 -16.90 -5.32
C VAL A 67 -5.13 -16.75 -6.06
N THR A 68 -5.99 -15.88 -5.56
CA THR A 68 -7.27 -15.58 -6.19
C THR A 68 -7.22 -14.13 -6.66
N ALA A 69 -7.52 -13.91 -7.94
CA ALA A 69 -7.50 -12.58 -8.53
C ALA A 69 -8.92 -12.06 -8.63
N VAL A 70 -9.14 -10.83 -8.18
CA VAL A 70 -10.44 -10.17 -8.28
C VAL A 70 -10.23 -8.87 -9.03
N ALA A 71 -10.76 -8.79 -10.24
CA ALA A 71 -10.64 -7.58 -11.05
C ALA A 71 -11.78 -6.64 -10.69
N CYS A 72 -11.45 -5.52 -10.08
CA CYS A 72 -12.46 -4.56 -9.61
C CYS A 72 -11.76 -3.25 -9.25
N ASP A 73 -12.57 -2.21 -9.12
CA ASP A 73 -12.12 -0.92 -8.62
C ASP A 73 -12.36 -0.91 -7.12
N ILE A 74 -11.27 -0.97 -6.35
CA ILE A 74 -11.36 -1.07 -4.89
C ILE A 74 -11.95 0.19 -4.26
N THR A 75 -12.01 1.29 -5.00
CA THR A 75 -12.50 2.56 -4.45
C THR A 75 -14.00 2.74 -4.60
N THR A 76 -14.74 1.73 -5.08
CA THR A 76 -16.18 1.80 -5.22
C THR A 76 -16.85 0.79 -4.30
N PRO A 77 -18.11 1.04 -3.92
CA PRO A 77 -18.83 0.03 -3.12
C PRO A 77 -18.90 -1.33 -3.78
N ASP A 78 -19.15 -1.39 -5.09
CA ASP A 78 -19.21 -2.68 -5.76
C ASP A 78 -17.87 -3.38 -5.76
N GLY A 79 -16.78 -2.62 -5.92
CA GLY A 79 -15.46 -3.22 -5.88
C GLY A 79 -15.11 -3.77 -4.52
N ARG A 80 -15.42 -3.01 -3.46
CA ARG A 80 -15.16 -3.52 -2.12
C ARG A 80 -16.00 -4.75 -1.83
N ALA A 81 -17.25 -4.76 -2.30
CA ALA A 81 -18.09 -5.93 -2.09
C ALA A 81 -17.51 -7.16 -2.79
N ALA A 82 -16.99 -6.96 -4.02
CA ALA A 82 -16.39 -8.07 -4.75
C ALA A 82 -15.14 -8.59 -4.04
N ALA A 83 -14.30 -7.68 -3.55
CA ALA A 83 -13.10 -8.10 -2.84
C ALA A 83 -13.46 -8.87 -1.58
N LEU A 84 -14.44 -8.36 -0.82
CA LEU A 84 -14.80 -9.01 0.43
C LEU A 84 -15.58 -10.31 0.19
N ALA A 85 -16.30 -10.40 -0.93
CA ALA A 85 -16.93 -11.67 -1.28
C ALA A 85 -15.88 -12.75 -1.50
N ALA A 86 -14.76 -12.40 -2.12
CA ALA A 86 -13.70 -13.35 -2.38
C ALA A 86 -12.85 -13.62 -1.16
N CYS A 87 -12.79 -12.66 -0.23
CA CYS A 87 -11.95 -12.75 0.96
C CYS A 87 -12.72 -12.19 2.15
N PRO A 88 -13.69 -12.95 2.67
CA PRO A 88 -14.55 -12.38 3.72
C PRO A 88 -13.88 -12.24 5.07
N GLN A 89 -12.88 -13.07 5.39
CA GLN A 89 -12.30 -13.11 6.73
C GLN A 89 -10.78 -13.15 6.65
N PRO A 90 -10.15 -12.13 6.09
CA PRO A 90 -8.69 -12.14 6.00
C PRO A 90 -8.04 -12.01 7.37
N ASP A 91 -6.87 -12.65 7.51
CA ASP A 91 -6.01 -12.39 8.65
C ASP A 91 -5.21 -11.11 8.47
N ILE A 92 -4.95 -10.73 7.22
CA ILE A 92 -4.05 -9.66 6.84
C ILE A 92 -4.75 -8.84 5.78
N LEU A 93 -4.73 -7.52 5.96
CA LEU A 93 -5.27 -6.59 4.98
C LEU A 93 -4.16 -5.61 4.61
N VAL A 94 -3.84 -5.53 3.33
CA VAL A 94 -2.93 -4.50 2.81
C VAL A 94 -3.77 -3.50 2.02
N ASN A 95 -3.92 -2.30 2.56
CA ASN A 95 -4.67 -1.25 1.91
C ASN A 95 -3.79 -0.49 0.93
N ASN A 96 -4.34 -0.22 -0.26
CA ASN A 96 -3.61 0.42 -1.33
C ASN A 96 -4.63 0.73 -2.42
N ALA A 97 -4.31 1.75 -3.21
CA ALA A 97 -5.09 2.14 -4.39
C ALA A 97 -4.21 3.13 -5.14
N GLY A 98 -4.62 3.47 -6.36
CA GLY A 98 -3.91 4.49 -7.10
C GLY A 98 -3.89 5.82 -6.36
N GLY A 99 -2.80 6.54 -6.51
CA GLY A 99 -2.67 7.85 -5.88
C GLY A 99 -3.37 8.94 -6.67
N PRO A 100 -3.54 10.08 -6.03
CA PRO A 100 -4.29 11.19 -6.66
C PRO A 100 -3.42 11.92 -7.67
N PRO A 101 -4.03 12.69 -8.57
CA PRO A 101 -3.26 13.37 -9.60
C PRO A 101 -2.54 14.58 -9.02
N PRO A 102 -1.44 15.00 -9.65
CA PRO A 102 -0.77 16.23 -9.22
C PRO A 102 -1.46 17.46 -9.80
N GLY A 103 -1.24 18.58 -9.14
CA GLY A 103 -1.75 19.84 -9.64
C GLY A 103 -1.71 20.90 -8.55
N ASP A 104 -2.39 22.00 -8.82
CA ASP A 104 -2.53 23.08 -7.86
C ASP A 104 -3.96 23.08 -7.31
N PHE A 105 -4.10 23.32 -6.00
CA PHE A 105 -5.42 23.18 -5.39
C PHE A 105 -6.43 24.18 -5.94
N ARG A 106 -5.98 25.25 -6.58
CA ARG A 106 -6.94 26.14 -7.24
C ARG A 106 -7.73 25.43 -8.32
N ASP A 107 -7.24 24.30 -8.82
CA ASP A 107 -7.91 23.53 -9.86
C ASP A 107 -8.68 22.34 -9.33
N PHE A 108 -8.63 22.09 -8.02
CA PHE A 108 -9.24 20.90 -7.44
C PHE A 108 -10.65 21.24 -6.99
N SER A 109 -11.63 20.69 -7.69
CA SER A 109 -13.01 20.88 -7.28
C SER A 109 -13.27 20.11 -5.99
N HIS A 110 -14.44 20.40 -5.40
CA HIS A 110 -14.94 19.58 -4.31
C HIS A 110 -14.91 18.11 -4.68
N ASP A 111 -15.27 17.77 -5.93
CA ASP A 111 -15.30 16.37 -6.33
C ASP A 111 -13.90 15.79 -6.47
N ASP A 112 -12.90 16.58 -6.87
CA ASP A 112 -11.54 16.07 -6.86
C ASP A 112 -11.11 15.70 -5.44
N TRP A 113 -11.45 16.55 -4.48
CA TRP A 113 -11.12 16.26 -3.09
C TRP A 113 -11.85 15.01 -2.62
N ILE A 114 -13.13 14.89 -2.96
CA ILE A 114 -13.88 13.71 -2.55
C ILE A 114 -13.29 12.45 -3.16
N ARG A 115 -12.90 12.51 -4.43
CA ARG A 115 -12.31 11.34 -5.09
C ARG A 115 -11.04 10.89 -4.39
N ALA A 116 -10.16 11.83 -4.05
CA ALA A 116 -8.93 11.48 -3.37
C ALA A 116 -9.20 10.97 -1.96
N LEU A 117 -10.13 11.62 -1.25
CA LEU A 117 -10.49 11.15 0.08
C LEU A 117 -11.09 9.75 0.03
N GLU A 118 -11.93 9.48 -0.97
CA GLU A 118 -12.50 8.14 -1.09
CA GLU A 118 -12.50 8.14 -1.09
C GLU A 118 -11.42 7.11 -1.38
N ALA A 119 -10.54 7.40 -2.35
CA ALA A 119 -9.55 6.42 -2.77
C ALA A 119 -8.52 6.13 -1.69
N ASN A 120 -8.00 7.16 -1.03
CA ASN A 120 -6.82 7.00 -0.21
C ASN A 120 -7.08 7.18 1.27
N MET A 121 -8.33 7.40 1.68
CA MET A 121 -8.67 7.48 3.09
C MET A 121 -9.90 6.64 3.41
N LEU A 122 -11.03 6.93 2.76
CA LEU A 122 -12.27 6.26 3.16
C LEU A 122 -12.33 4.82 2.69
N THR A 123 -11.75 4.50 1.54
CA THR A 123 -11.69 3.10 1.11
C THR A 123 -10.91 2.25 2.10
N PRO A 124 -9.70 2.64 2.52
CA PRO A 124 -9.03 1.86 3.58
C PRO A 124 -9.84 1.76 4.85
N ILE A 125 -10.48 2.85 5.28
CA ILE A 125 -11.28 2.81 6.51
C ILE A 125 -12.43 1.82 6.36
N GLU A 126 -13.10 1.82 5.19
CA GLU A 126 -14.21 0.89 4.97
CA GLU A 126 -14.21 0.89 5.00
C GLU A 126 -13.76 -0.55 5.01
N LEU A 127 -12.59 -0.85 4.40
CA LEU A 127 -12.13 -2.23 4.38
C LEU A 127 -11.71 -2.67 5.78
N ILE A 128 -11.13 -1.74 6.55
CA ILE A 128 -10.86 -2.03 7.97
C ILE A 128 -12.16 -2.31 8.72
N ARG A 129 -13.16 -1.43 8.55
CA ARG A 129 -14.44 -1.62 9.22
C ARG A 129 -15.02 -2.99 8.91
N ALA A 130 -14.86 -3.47 7.68
CA ALA A 130 -15.47 -4.71 7.26
C ALA A 130 -14.71 -5.95 7.73
N THR A 131 -13.45 -5.81 8.11
CA THR A 131 -12.61 -6.97 8.41
C THR A 131 -12.06 -7.01 9.83
N VAL A 132 -12.07 -5.90 10.56
CA VAL A 132 -11.33 -5.87 11.82
C VAL A 132 -12.00 -6.73 12.89
N ASP A 133 -13.33 -6.84 12.89
CA ASP A 133 -13.97 -7.60 13.94
C ASP A 133 -13.70 -9.09 13.82
N GLY A 134 -13.58 -9.60 12.59
CA GLY A 134 -13.20 -10.99 12.43
C GLY A 134 -11.80 -11.26 12.95
N MET A 135 -10.88 -10.34 12.68
CA MET A 135 -9.53 -10.45 13.22
C MET A 135 -9.56 -10.45 14.74
N ILE A 136 -10.30 -9.51 15.32
CA ILE A 136 -10.43 -9.43 16.78
C ILE A 136 -10.98 -10.75 17.33
N GLY A 137 -12.01 -11.30 16.68
CA GLY A 137 -12.62 -12.52 17.18
C GLY A 137 -11.67 -13.70 17.17
N ARG A 138 -10.69 -13.69 16.27
CA ARG A 138 -9.69 -14.74 16.19
C ARG A 138 -8.42 -14.43 16.98
N GLY A 139 -8.32 -13.22 17.53
CA GLY A 139 -7.14 -12.89 18.31
C GLY A 139 -5.90 -12.65 17.49
N PHE A 140 -6.03 -12.43 16.18
CA PHE A 140 -4.87 -12.13 15.34
C PHE A 140 -5.34 -11.31 14.15
N GLY A 141 -4.66 -10.19 13.89
CA GLY A 141 -4.89 -9.45 12.67
C GLY A 141 -3.71 -8.55 12.39
N ARG A 142 -3.48 -8.31 11.10
CA ARG A 142 -2.44 -7.38 10.67
C ARG A 142 -3.03 -6.54 9.55
N ILE A 143 -3.03 -5.22 9.74
CA ILE A 143 -3.48 -4.27 8.74
C ILE A 143 -2.31 -3.36 8.44
N VAL A 144 -1.92 -3.28 7.16
CA VAL A 144 -0.82 -2.42 6.71
C VAL A 144 -1.38 -1.52 5.63
N ASN A 145 -1.27 -0.21 5.83
CA ASN A 145 -1.74 0.78 4.86
C ASN A 145 -0.54 1.36 4.12
N ILE A 146 -0.57 1.26 2.80
CA ILE A 146 0.45 1.90 1.97
C ILE A 146 0.05 3.36 1.84
N THR A 147 0.85 4.25 2.43
CA THR A 147 0.55 5.68 2.34
C THR A 147 1.61 6.39 1.50
N SER A 148 2.39 7.30 2.10
CA SER A 148 3.32 8.11 1.34
C SER A 148 4.22 8.89 2.29
N SER A 149 5.45 9.16 1.83
CA SER A 149 6.29 10.13 2.54
C SER A 149 5.59 11.48 2.67
N ALA A 150 4.58 11.75 1.83
CA ALA A 150 3.83 13.01 1.89
C ALA A 150 3.23 13.27 3.26
N VAL A 151 2.97 12.22 4.05
CA VAL A 151 2.39 12.47 5.37
C VAL A 151 3.43 12.99 6.35
N LYS A 152 4.73 12.74 6.08
CA LYS A 152 5.81 13.28 6.90
C LYS A 152 6.28 14.63 6.39
N ALA A 153 6.38 14.80 5.07
CA ALA A 153 6.76 16.06 4.46
C ALA A 153 5.91 16.23 3.21
N PRO A 154 5.04 17.24 3.18
CA PRO A 154 4.10 17.36 2.06
C PRO A 154 4.85 17.53 0.74
N ILE A 155 4.25 16.98 -0.31
CA ILE A 155 4.81 17.07 -1.65
C ILE A 155 4.10 18.21 -2.39
N ASP A 156 4.90 19.11 -2.99
CA ASP A 156 4.33 20.39 -3.41
C ASP A 156 3.16 20.22 -4.39
N VAL A 157 3.28 19.31 -5.36
CA VAL A 157 2.23 19.13 -6.37
C VAL A 157 1.17 18.11 -5.96
N LEU A 158 1.29 17.51 -4.78
CA LEU A 158 0.36 16.46 -4.39
C LEU A 158 -0.48 16.85 -3.17
N ALA A 159 -1.09 18.03 -3.21
CA ALA A 159 -1.99 18.45 -2.13
C ALA A 159 -3.05 17.41 -1.82
N LEU A 160 -3.59 16.74 -2.84
CA LEU A 160 -4.62 15.74 -2.61
C LEU A 160 -4.10 14.59 -1.77
N SER A 161 -2.83 14.21 -1.94
CA SER A 161 -2.22 13.16 -1.14
C SER A 161 -1.86 13.68 0.25
N ASN A 162 -1.21 14.84 0.30
CA ASN A 162 -0.92 15.48 1.58
C ASN A 162 -2.15 15.50 2.48
N GLY A 163 -3.30 15.83 1.92
CA GLY A 163 -4.53 15.85 2.70
C GLY A 163 -5.10 14.47 2.97
N ALA A 164 -5.44 13.72 1.93
CA ALA A 164 -6.17 12.47 2.15
C ALA A 164 -5.36 11.47 2.97
N ARG A 165 -4.06 11.34 2.68
CA ARG A 165 -3.29 10.33 3.37
C ARG A 165 -2.99 10.73 4.81
N SER A 166 -2.83 12.03 5.08
CA SER A 166 -2.70 12.47 6.46
C SER A 166 -3.99 12.20 7.22
N GLY A 167 -5.14 12.30 6.55
CA GLY A 167 -6.41 11.97 7.19
C GLY A 167 -6.48 10.51 7.58
N LEU A 168 -6.13 9.61 6.66
CA LEU A 168 -6.04 8.19 7.03
C LEU A 168 -5.10 7.98 8.20
N THR A 169 -3.95 8.65 8.19
CA THR A 169 -2.95 8.45 9.23
C THR A 169 -3.49 8.83 10.60
N GLY A 170 -4.19 9.96 10.69
CA GLY A 170 -4.80 10.34 11.95
C GLY A 170 -5.85 9.35 12.43
N PHE A 171 -6.69 8.86 11.52
CA PHE A 171 -7.67 7.85 11.90
C PHE A 171 -6.98 6.59 12.41
N VAL A 172 -5.98 6.11 11.68
CA VAL A 172 -5.28 4.88 12.05
C VAL A 172 -4.63 5.02 13.42
N ALA A 173 -4.11 6.21 13.74
CA ALA A 173 -3.50 6.43 15.04
C ALA A 173 -4.48 6.10 16.15
N GLY A 174 -5.73 6.54 16.01
CA GLY A 174 -6.71 6.26 17.05
C GLY A 174 -7.14 4.81 17.06
N LEU A 175 -7.45 4.25 15.90
CA LEU A 175 -8.02 2.90 15.89
C LEU A 175 -6.99 1.87 16.34
N SER A 176 -5.73 2.03 15.90
CA SER A 176 -4.69 1.08 16.29
C SER A 176 -4.65 0.90 17.80
N ARG A 177 -4.74 2.00 18.55
CA ARG A 177 -4.63 1.88 19.99
C ARG A 177 -5.89 1.28 20.61
N LYS A 178 -7.05 1.46 19.95
CA LYS A 178 -8.29 0.92 20.51
CA LYS A 178 -8.29 0.92 20.49
C LYS A 178 -8.37 -0.60 20.37
N VAL A 179 -7.82 -1.16 19.29
CA VAL A 179 -7.93 -2.59 19.02
C VAL A 179 -6.68 -3.37 19.42
N ALA A 180 -5.67 -2.71 20.01
CA ALA A 180 -4.38 -3.35 20.22
C ALA A 180 -4.44 -4.50 21.21
N GLY A 181 -5.39 -4.49 22.15
CA GLY A 181 -5.44 -5.54 23.14
C GLY A 181 -5.96 -6.87 22.64
N GLN A 182 -6.38 -6.93 21.38
CA GLN A 182 -7.00 -8.13 20.83
C GLN A 182 -6.14 -8.80 19.76
N GLY A 183 -4.84 -8.54 19.77
CA GLY A 183 -3.92 -9.24 18.88
C GLY A 183 -3.91 -8.70 17.48
N VAL A 184 -4.47 -7.51 17.26
CA VAL A 184 -4.54 -6.87 15.95
C VAL A 184 -3.59 -5.68 15.97
N THR A 185 -2.77 -5.54 14.94
CA THR A 185 -1.95 -4.35 14.78
C THR A 185 -2.35 -3.64 13.49
N ILE A 186 -2.19 -2.32 13.50
CA ILE A 186 -2.48 -1.49 12.35
C ILE A 186 -1.32 -0.52 12.19
N ASN A 187 -0.60 -0.61 11.07
CA ASN A 187 0.58 0.20 10.84
C ASN A 187 0.54 0.73 9.41
N ASN A 188 1.29 1.80 9.17
CA ASN A 188 1.39 2.40 7.86
C ASN A 188 2.80 2.27 7.34
N LEU A 189 2.90 1.97 6.05
CA LEU A 189 4.17 1.87 5.33
C LEU A 189 4.23 3.04 4.36
N LEU A 190 5.23 3.91 4.54
CA LEU A 190 5.32 5.19 3.84
C LEU A 190 6.44 5.09 2.83
N PRO A 191 6.15 4.97 1.54
CA PRO A 191 7.23 4.94 0.56
C PRO A 191 7.77 6.32 0.26
N GLY A 192 9.09 6.41 0.20
CA GLY A 192 9.75 7.47 -0.53
C GLY A 192 9.66 7.20 -2.02
N LEU A 193 10.73 7.46 -2.76
CA LEU A 193 10.70 7.29 -4.21
C LEU A 193 11.03 5.85 -4.56
N PHE A 194 10.06 5.13 -5.12
CA PHE A 194 10.21 3.73 -5.49
C PHE A 194 10.13 3.52 -6.99
N ASP A 195 10.96 2.61 -7.47
CA ASP A 195 11.14 2.31 -8.90
C ASP A 195 9.97 1.45 -9.37
N THR A 196 8.86 2.11 -9.72
CA THR A 196 7.67 1.45 -10.24
C THR A 196 7.26 2.07 -11.56
N ASP A 197 6.27 1.45 -12.21
CA ASP A 197 5.73 1.98 -13.46
C ASP A 197 5.15 3.38 -13.27
N ARG A 198 4.49 3.62 -12.14
CA ARG A 198 3.92 4.94 -11.87
C ARG A 198 5.02 6.00 -11.89
N ILE A 199 6.16 5.70 -11.27
CA ILE A 199 7.24 6.68 -11.24
C ILE A 199 7.86 6.86 -12.63
N ALA A 200 7.94 5.80 -13.43
CA ALA A 200 8.40 5.97 -14.80
C ALA A 200 7.53 6.97 -15.56
N THR A 201 6.22 6.89 -15.36
CA THR A 201 5.30 7.83 -16.01
C THR A 201 5.48 9.25 -15.49
N THR A 202 5.57 9.41 -14.17
CA THR A 202 5.77 10.72 -13.57
C THR A 202 7.08 11.33 -14.03
N LEU A 203 8.16 10.56 -13.97
CA LEU A 203 9.47 11.08 -14.34
C LEU A 203 9.49 11.51 -15.80
N ALA A 204 8.83 10.76 -16.68
CA ALA A 204 8.84 11.12 -18.09
C ALA A 204 8.14 12.45 -18.31
N ALA A 205 7.01 12.68 -17.62
CA ALA A 205 6.30 13.94 -17.77
C ALA A 205 7.10 15.08 -17.15
N SER A 206 7.72 14.84 -15.99
CA SER A 206 8.51 15.87 -15.34
CA SER A 206 8.51 15.88 -15.34
C SER A 206 9.75 16.21 -16.17
N ALA A 207 10.40 15.19 -16.73
CA ALA A 207 11.59 15.44 -17.54
C ALA A 207 11.24 16.27 -18.77
N LYS A 208 10.12 15.95 -19.42
CA LYS A 208 9.69 16.71 -20.59
C LYS A 208 9.44 18.17 -20.21
N ALA A 209 8.74 18.40 -19.10
CA ALA A 209 8.45 19.77 -18.68
C ALA A 209 9.73 20.53 -18.33
N GLN A 210 10.75 19.83 -17.84
CA GLN A 210 12.01 20.44 -17.44
C GLN A 210 13.03 20.54 -18.57
N GLY A 211 12.75 19.93 -19.72
CA GLY A 211 13.72 19.97 -20.81
C GLY A 211 14.94 19.11 -20.61
N VAL A 212 14.83 18.00 -19.88
CA VAL A 212 15.91 17.04 -19.69
C VAL A 212 15.40 15.66 -20.11
N THR A 213 16.34 14.72 -20.27
CA THR A 213 15.92 13.37 -20.58
C THR A 213 15.43 12.67 -19.30
N VAL A 214 14.58 11.66 -19.49
CA VAL A 214 14.08 10.94 -18.32
C VAL A 214 15.21 10.20 -17.63
N ASP A 215 16.17 9.67 -18.38
CA ASP A 215 17.31 9.02 -17.75
C ASP A 215 18.13 10.03 -16.93
N GLU A 216 18.32 11.24 -17.46
CA GLU A 216 19.00 12.28 -16.70
C GLU A 216 18.25 12.63 -15.43
N LEU A 217 16.93 12.79 -15.52
CA LEU A 217 16.16 13.15 -14.35
C LEU A 217 16.16 12.04 -13.31
N ARG A 218 16.03 10.79 -13.76
CA ARG A 218 16.07 9.65 -12.83
C ARG A 218 17.41 9.62 -12.09
N ALA A 219 18.51 9.80 -12.82
CA ALA A 219 19.82 9.79 -12.16
C ALA A 219 19.94 10.94 -11.17
N ARG A 220 19.40 12.12 -11.51
CA ARG A 220 19.46 13.25 -10.60
C ARG A 220 18.64 12.98 -9.35
N ARG A 221 17.43 12.45 -9.50
CA ARG A 221 16.60 12.14 -8.36
C ARG A 221 17.24 11.10 -7.46
N ALA A 222 17.85 10.06 -8.06
CA ALA A 222 18.55 9.06 -7.28
C ALA A 222 19.72 9.66 -6.51
N LYS A 223 20.50 10.53 -7.15
CA LYS A 223 21.66 11.14 -6.49
C LYS A 223 21.23 12.05 -5.33
N GLU A 224 20.04 12.66 -5.44
CA GLU A 224 19.57 13.56 -4.39
C GLU A 224 19.12 12.81 -3.14
N ILE A 225 18.76 11.55 -3.28
CA ILE A 225 18.41 10.71 -2.12
C ILE A 225 19.70 10.30 -1.42
N PRO A 226 19.79 10.43 -0.09
CA PRO A 226 21.05 10.04 0.58
C PRO A 226 21.53 8.64 0.22
N ALA A 227 20.63 7.65 0.17
CA ALA A 227 21.03 6.30 -0.20
C ALA A 227 21.54 6.20 -1.63
N GLY A 228 21.20 7.15 -2.50
CA GLY A 228 21.75 7.17 -3.84
C GLY A 228 21.02 6.32 -4.85
N ARG A 229 19.83 5.81 -4.50
CA ARG A 229 19.07 4.92 -5.35
C ARG A 229 17.60 5.08 -5.00
N LEU A 230 16.74 4.59 -5.89
CA LEU A 230 15.32 4.46 -5.61
C LEU A 230 15.06 3.17 -4.84
N GLY A 231 13.90 3.12 -4.19
CA GLY A 231 13.49 1.92 -3.52
C GLY A 231 12.98 0.86 -4.48
N THR A 232 12.99 -0.39 -4.03
CA THR A 232 12.49 -1.50 -4.82
C THR A 232 11.21 -2.10 -4.24
N ARG A 233 10.36 -2.61 -5.12
CA ARG A 233 9.13 -3.23 -4.63
C ARG A 233 9.41 -4.43 -3.75
N ALA A 234 10.52 -5.13 -3.98
CA ALA A 234 10.84 -6.31 -3.18
C ALA A 234 11.16 -5.92 -1.73
N GLU A 235 11.97 -4.88 -1.53
CA GLU A 235 12.29 -4.50 -0.15
C GLU A 235 11.08 -3.88 0.54
N PHE A 236 10.23 -3.19 -0.22
CA PHE A 236 8.99 -2.69 0.35
C PHE A 236 8.13 -3.85 0.83
N GLY A 237 7.98 -4.89 0.00
CA GLY A 237 7.18 -6.02 0.39
C GLY A 237 7.77 -6.77 1.58
N ALA A 238 9.11 -6.83 1.66
CA ALA A 238 9.73 -7.48 2.81
C ALA A 238 9.38 -6.79 4.12
N ALA A 239 9.38 -5.45 4.15
CA ALA A 239 8.97 -4.74 5.35
C ALA A 239 7.50 -5.02 5.67
N CYS A 240 6.64 -5.04 4.65
CA CYS A 240 5.25 -5.39 4.86
C CYS A 240 5.13 -6.77 5.49
N ALA A 241 5.85 -7.76 4.95
CA ALA A 241 5.79 -9.11 5.50
C ALA A 241 6.24 -9.14 6.95
N PHE A 242 7.30 -8.40 7.30
CA PHE A 242 7.71 -8.38 8.70
C PHE A 242 6.62 -7.80 9.60
N LEU A 243 6.01 -6.68 9.18
CA LEU A 243 4.92 -6.12 9.96
C LEU A 243 3.77 -7.10 10.14
N CYS A 244 3.54 -7.96 9.14
CA CYS A 244 2.45 -8.93 9.21
C CYS A 244 2.81 -10.17 10.02
N SER A 245 4.02 -10.26 10.53
CA SER A 245 4.52 -11.47 11.14
C SER A 245 4.15 -11.59 12.61
N VAL A 246 4.42 -12.77 13.17
CA VAL A 246 4.27 -12.99 14.61
C VAL A 246 5.36 -12.32 15.43
N HIS A 247 6.33 -11.70 14.78
CA HIS A 247 7.43 -10.99 15.44
C HIS A 247 7.17 -9.50 15.56
N ALA A 248 6.04 -9.02 15.04
CA ALA A 248 5.72 -7.60 15.04
C ALA A 248 4.46 -7.31 15.85
N GLY A 249 4.10 -8.21 16.77
CA GLY A 249 2.89 -8.05 17.55
C GLY A 249 2.92 -6.89 18.53
N TYR A 250 4.08 -6.33 18.83
CA TYR A 250 4.20 -5.20 19.74
C TYR A 250 4.37 -3.88 19.00
N ILE A 251 4.21 -3.89 17.69
CA ILE A 251 4.34 -2.71 16.84
C ILE A 251 2.95 -2.36 16.32
N THR A 252 2.39 -1.25 16.79
CA THR A 252 1.10 -0.81 16.26
C THR A 252 1.02 0.71 16.29
N GLY A 253 0.22 1.25 15.37
CA GLY A 253 0.14 2.69 15.22
C GLY A 253 1.40 3.34 14.73
N GLN A 254 2.29 2.58 14.08
CA GLN A 254 3.57 3.14 13.66
C GLN A 254 3.55 3.50 12.18
N ASN A 255 4.32 4.52 11.85
CA ASN A 255 4.48 5.01 10.49
C ASN A 255 5.91 4.70 10.08
N TRP A 256 6.09 3.63 9.31
CA TRP A 256 7.42 3.18 8.89
C TRP A 256 7.76 3.81 7.55
N LEU A 257 8.77 4.68 7.56
CA LEU A 257 9.20 5.40 6.36
C LEU A 257 10.37 4.64 5.73
N LEU A 258 10.21 4.25 4.46
CA LEU A 258 11.26 3.60 3.68
C LEU A 258 11.63 4.58 2.58
N ASP A 259 12.73 5.31 2.78
CA ASP A 259 13.02 6.39 1.85
C ASP A 259 14.51 6.66 1.65
N GLY A 260 15.41 5.77 2.10
CA GLY A 260 16.82 6.02 1.90
C GLY A 260 17.34 7.28 2.56
N GLY A 261 16.65 7.77 3.60
CA GLY A 261 17.07 8.95 4.32
C GLY A 261 16.62 10.28 3.74
N ALA A 262 15.74 10.26 2.73
CA ALA A 262 15.42 11.50 2.01
C ALA A 262 14.73 12.52 2.91
N TYR A 263 13.75 12.09 3.68
CA TYR A 263 13.08 12.99 4.61
C TYR A 263 14.10 13.40 5.67
N PRO A 264 14.28 14.69 5.92
CA PRO A 264 15.37 15.15 6.79
C PRO A 264 15.04 15.26 8.26
N GLY A 265 13.81 14.97 8.68
CA GLY A 265 13.44 15.17 10.06
C GLY A 265 14.05 14.13 10.98
N THR A 266 14.48 14.57 12.15
CA THR A 266 14.95 13.65 13.18
C THR A 266 13.89 12.59 13.47
N PHE A 267 12.64 13.02 13.60
CA PHE A 267 11.51 12.12 13.75
C PHE A 267 10.51 12.34 12.62
C13 9G1 B . 1.52 10.20 -3.26
C17 9G1 B . 4.88 10.17 -6.86
C21 9G1 B . 6.91 9.70 -4.30
C22 9G1 B . 7.29 9.91 -2.71
C26 9G1 B . 1.77 5.44 -3.70
C28 9G1 B . 0.48 3.47 -4.32
C02 9G1 B . 6.44 5.69 -5.50
C04 9G1 B . 5.20 6.17 -4.51
C05 9G1 B . 4.00 5.46 -4.47
C07 9G1 B . 3.48 6.48 -2.47
C08 9G1 B . 4.70 7.15 -2.46
C09 9G1 B . 5.46 7.15 -3.59
C11 9G1 B . 4.05 9.97 -3.54
C12 9G1 B . 2.55 9.50 -4.07
C16 9G1 B . 4.83 8.63 -6.26
C18 9G1 B . 4.21 10.11 -8.34
C23 9G1 B . 8.63 10.57 -2.55
C29 9G1 B . 0.92 2.40 -5.22
C39 9G1 B . -0.51 0.53 -8.91
C40 9G1 B . -1.35 -0.77 -8.68
C42 9G1 B . -3.69 -0.91 -9.14
C43 9G1 B . -3.09 -0.87 -10.35
C49 9G1 B . -1.70 -1.48 -10.03
C52 9G1 B . -4.80 1.33 -9.09
C54 9G1 B . -6.75 0.85 -8.43
C55 9G1 B . -8.09 0.80 -8.03
C58 9G1 B . -7.80 -1.46 -7.80
C60 9G1 B . -6.04 -0.27 -8.49
C61 9G1 B . -0.04 4.54 -4.92
C63 9G1 B . 1.12 5.70 -4.92
N01 9G1 B . 6.27 4.61 -6.30
N06 9G1 B . 3.10 6.04 -3.69
N51 9G1 B . -4.81 0.02 -8.91
N53 9G1 B . -6.00 1.87 -8.81
N56 9G1 B . -8.91 2.06 -7.96
N57 9G1 B . -8.56 -0.35 -7.73
N59 9G1 B . -6.52 -1.44 -8.18
O03 9G1 B . 7.46 6.34 -5.47
O14 9G1 B . 1.85 10.79 -2.21
O15 9G1 B . 0.35 10.17 -3.65
O19 9G1 B . 3.31 9.04 -8.65
O20 9G1 B . 4.53 11.14 -9.26
O24 9G1 B . 9.09 10.72 -1.41
O25 9G1 B . 9.28 10.98 -3.61
O27 9G1 B . 1.71 3.95 -3.55
O30 9G1 B . 1.90 3.16 -6.10
O32 9G1 B . 3.06 0.82 -6.72
O33 9G1 B . 4.08 3.05 -7.49
O34 9G1 B . 1.92 2.34 -8.54
O36 9G1 B . 1.20 1.97 -10.89
O37 9G1 B . 3.16 0.57 -10.11
O38 9G1 B . 0.81 0.13 -9.25
O41 9G1 B . -2.51 -0.37 -8.18
O44 9G1 B . -3.70 -1.73 -11.33
O46 9G1 B . -6.11 -1.08 -11.37
O47 9G1 B . -5.10 -2.32 -13.24
O48 9G1 B . -4.50 0.13 -12.95
O50 9G1 B . -1.72 -2.79 -9.82
O62 9G1 B . -1.15 5.13 -4.09
O64 9G1 B . 0.63 6.98 -5.04
P10 9G1 B . 5.36 8.83 -4.41
P31 9G1 B . 2.90 2.23 -7.24
P35 9G1 B . 1.79 1.24 -9.78
P45 9G1 B . -4.92 -1.22 -12.24
C1 EDO C . 22.69 -20.13 9.47
O1 EDO C . 23.44 -20.61 10.59
C2 EDO C . 21.24 -19.96 9.90
O2 EDO C . 20.55 -19.18 8.93
C1 EDO D . 16.73 -3.77 -2.42
O1 EDO D . 16.03 -4.65 -3.30
C2 EDO D . 18.21 -3.71 -2.80
O2 EDO D . 18.40 -2.80 -3.89
#